data_5DXR
#
_entry.id   5DXR
#
_cell.length_a   54.961
_cell.length_b   82.025
_cell.length_c   58.778
_cell.angle_alpha   90.000
_cell.angle_beta   110.710
_cell.angle_gamma   90.000
#
_symmetry.space_group_name_H-M   'P 1 21 1'
#
loop_
_entity.id
_entity.type
_entity.pdbx_description
1 polymer 'Estrogen receptor'
2 polymer 'Nuclear receptor coactivator 2'
3 non-polymer "4,4'-{[(3R)-3-methylcyclohexylidene]methanediyl}diphenol"
4 water water
#
loop_
_entity_poly.entity_id
_entity_poly.type
_entity_poly.pdbx_seq_one_letter_code
_entity_poly.pdbx_strand_id
1 'polypeptide(L)'
;IKRSKKNSLALSLTADQMVSALLDAEPPILYSEYDPTRPFSEASMMGLLTNLADRELVHMINWAKRVPGFVDLTLHDQVH
LLECAWLEILMIGLVWRSMEHPGKLLFAPNLLLDRNQGKCVEGMVEIFDMLLATSSRFRMMNLQGEEFVCLKSIILLNSG
VYTFLSSTLKSLEEKDHIHRVLDKITDTLIHLMAKAGLTLQQQHQRLAQLLLILSHIRHMSNKGMEHLYSMKCKNVVPLS
DLLLEMLDAHRLHAPTS
;
A,B
2 'polypeptide(L)' KHKILHRLLQDSSS C,D
#
loop_
_chem_comp.id
_chem_comp.type
_chem_comp.name
_chem_comp.formula
5HW non-polymer 4,4'-{[(3R)-3-methylcyclohexylidene]methanediyl}diphenol 'C20 H22 O2'
#
# COMPACT_ATOMS: atom_id res chain seq x y z
N ASN A 7 16.31 25.26 5.53
CA ASN A 7 17.52 24.46 5.63
C ASN A 7 17.46 23.19 4.79
N SER A 8 17.23 23.38 3.49
CA SER A 8 17.19 22.27 2.53
C SER A 8 17.16 22.81 1.11
N LEU A 9 18.14 22.43 0.31
CA LEU A 9 18.24 22.89 -1.08
C LEU A 9 17.13 22.27 -1.93
N ALA A 10 16.57 21.16 -1.45
CA ALA A 10 15.53 20.45 -2.18
C ALA A 10 14.25 21.27 -2.32
N LEU A 11 13.93 22.03 -1.28
CA LEU A 11 12.71 22.83 -1.26
C LEU A 11 12.81 24.05 -2.15
N SER A 12 14.04 24.46 -2.46
CA SER A 12 14.27 25.69 -3.22
C SER A 12 14.27 25.45 -4.73
N LEU A 13 14.43 24.20 -5.14
CA LEU A 13 14.46 23.84 -6.55
C LEU A 13 13.13 24.19 -7.23
N THR A 14 13.18 24.49 -8.51
CA THR A 14 11.96 24.63 -9.29
C THR A 14 11.51 23.24 -9.73
N ALA A 15 10.31 23.15 -10.31
CA ALA A 15 9.77 21.87 -10.75
C ALA A 15 10.69 21.20 -11.77
N ASP A 16 11.19 21.99 -12.73
CA ASP A 16 12.07 21.46 -13.76
C ASP A 16 13.42 21.03 -13.19
N GLN A 17 13.91 21.80 -12.22
CA GLN A 17 15.15 21.44 -11.52
C GLN A 17 14.98 20.11 -10.79
N MET A 18 13.79 19.90 -10.25
CA MET A 18 13.46 18.65 -9.57
C MET A 18 13.43 17.50 -10.57
N VAL A 19 12.78 17.71 -11.71
CA VAL A 19 12.70 16.71 -12.76
C VAL A 19 14.09 16.36 -13.31
N SER A 20 14.86 17.41 -13.63
CA SER A 20 16.20 17.23 -14.18
C SER A 20 17.10 16.45 -13.24
N ALA A 21 16.98 16.73 -11.94
CA ALA A 21 17.80 16.06 -10.93
C ALA A 21 17.44 14.58 -10.82
N LEU A 22 16.16 14.27 -10.91
CA LEU A 22 15.69 12.89 -10.80
C LEU A 22 16.05 12.06 -12.04
N LEU A 23 15.86 12.66 -13.22
CA LEU A 23 16.15 11.98 -14.47
C LEU A 23 17.64 11.64 -14.59
N ASP A 24 18.49 12.55 -14.15
CA ASP A 24 19.93 12.37 -14.24
C ASP A 24 20.44 11.41 -13.17
N ALA A 25 19.63 11.19 -12.14
CA ALA A 25 20.01 10.32 -11.04
C ALA A 25 19.66 8.87 -11.31
N GLU A 26 18.92 8.64 -12.40
CA GLU A 26 18.46 7.30 -12.77
C GLU A 26 19.60 6.29 -12.86
N PRO A 27 19.44 5.14 -12.18
CA PRO A 27 20.41 4.05 -12.29
C PRO A 27 20.34 3.42 -13.67
N PRO A 28 21.42 2.77 -14.11
CA PRO A 28 21.42 2.15 -15.43
C PRO A 28 20.63 0.85 -15.46
N ILE A 29 20.28 0.38 -16.66
CA ILE A 29 19.63 -0.91 -16.81
C ILE A 29 20.69 -2.00 -16.88
N LEU A 30 20.81 -2.77 -15.80
CA LEU A 30 21.85 -3.79 -15.70
C LEU A 30 21.50 -5.05 -16.46
N TYR A 31 22.51 -5.80 -16.87
CA TYR A 31 22.32 -7.06 -17.57
C TYR A 31 22.42 -8.25 -16.63
N SER A 32 21.73 -9.33 -16.97
CA SER A 32 21.84 -10.58 -16.23
C SER A 32 23.03 -11.38 -16.74
N GLU A 33 23.29 -12.52 -16.11
CA GLU A 33 24.38 -13.38 -16.54
C GLU A 33 24.05 -13.99 -17.91
N TYR A 34 25.09 -14.23 -18.70
CA TYR A 34 24.91 -14.72 -20.06
C TYR A 34 25.08 -16.23 -20.14
N ASP A 35 25.43 -16.73 -21.33
CA ASP A 35 25.51 -18.17 -21.61
C ASP A 35 24.30 -18.92 -21.08
N PRO A 36 23.11 -18.65 -21.62
CA PRO A 36 21.94 -19.14 -20.90
C PRO A 36 21.29 -20.41 -21.43
N THR A 37 20.77 -21.18 -20.49
CA THR A 37 19.59 -21.97 -20.74
C THR A 37 18.46 -21.06 -20.29
N ARG A 38 17.30 -21.16 -20.92
CA ARG A 38 16.13 -20.43 -20.42
C ARG A 38 15.85 -20.99 -19.04
N PRO A 39 16.00 -20.17 -17.99
CA PRO A 39 15.94 -20.66 -16.60
C PRO A 39 14.63 -21.37 -16.26
N PHE A 40 14.72 -22.59 -15.73
CA PHE A 40 13.53 -23.40 -15.44
C PHE A 40 13.62 -24.11 -14.10
N SER A 41 14.81 -24.13 -13.50
CA SER A 41 14.97 -24.68 -12.16
C SER A 41 14.74 -23.56 -11.15
N GLU A 42 14.17 -23.91 -10.00
CA GLU A 42 13.91 -22.93 -8.96
C GLU A 42 15.20 -22.30 -8.48
N ALA A 43 16.29 -23.05 -8.63
CA ALA A 43 17.60 -22.60 -8.20
C ALA A 43 18.21 -21.60 -9.18
N SER A 44 18.17 -21.93 -10.47
CA SER A 44 18.83 -21.10 -11.48
C SER A 44 18.11 -19.77 -11.71
N MET A 45 16.78 -19.79 -11.67
CA MET A 45 16.01 -18.57 -11.84
C MET A 45 16.25 -17.61 -10.68
N MET A 46 16.07 -18.12 -9.46
CA MET A 46 16.28 -17.30 -8.26
C MET A 46 17.75 -16.96 -8.10
N GLY A 47 18.63 -17.77 -8.67
CA GLY A 47 20.04 -17.46 -8.68
C GLY A 47 20.32 -16.25 -9.54
N LEU A 48 19.72 -16.23 -10.74
CA LEU A 48 19.85 -15.11 -11.66
C LEU A 48 19.25 -13.84 -11.07
N LEU A 49 18.08 -13.96 -10.46
CA LEU A 49 17.37 -12.82 -9.91
C LEU A 49 18.09 -12.22 -8.70
N THR A 50 18.57 -13.09 -7.83
CA THR A 50 19.28 -12.65 -6.62
C THR A 50 20.57 -11.90 -6.99
N ASN A 51 21.31 -12.45 -7.96
CA ASN A 51 22.52 -11.80 -8.44
C ASN A 51 22.21 -10.44 -9.04
N LEU A 52 21.11 -10.36 -9.79
CA LEU A 52 20.68 -9.12 -10.43
C LEU A 52 20.27 -8.08 -9.39
N ALA A 53 19.42 -8.48 -8.46
CA ALA A 53 18.93 -7.59 -7.42
C ALA A 53 20.07 -7.07 -6.55
N ASP A 54 21.05 -7.92 -6.30
CA ASP A 54 22.21 -7.56 -5.49
C ASP A 54 23.01 -6.44 -6.11
N ARG A 55 23.23 -6.52 -7.42
CA ARG A 55 23.98 -5.48 -8.13
C ARG A 55 23.13 -4.21 -8.29
N GLU A 56 21.82 -4.39 -8.44
CA GLU A 56 20.91 -3.26 -8.55
C GLU A 56 20.88 -2.43 -7.27
N LEU A 57 20.99 -3.10 -6.13
CA LEU A 57 20.93 -2.43 -4.84
C LEU A 57 22.06 -1.43 -4.65
N VAL A 58 23.24 -1.77 -5.18
CA VAL A 58 24.40 -0.89 -5.08
C VAL A 58 24.13 0.42 -5.82
N HIS A 59 23.48 0.32 -6.98
CA HIS A 59 23.12 1.50 -7.76
C HIS A 59 21.98 2.28 -7.11
N MET A 60 21.05 1.55 -6.48
CA MET A 60 19.91 2.18 -5.82
C MET A 60 20.37 3.08 -4.66
N ILE A 61 21.30 2.55 -3.87
CA ILE A 61 21.84 3.27 -2.73
C ILE A 61 22.45 4.62 -3.13
N ASN A 62 23.21 4.61 -4.22
CA ASN A 62 23.80 5.84 -4.73
C ASN A 62 22.78 6.69 -5.48
N TRP A 63 21.73 6.06 -5.99
CA TRP A 63 20.61 6.78 -6.59
C TRP A 63 19.83 7.54 -5.53
N ALA A 64 19.63 6.90 -4.38
CA ALA A 64 18.87 7.48 -3.29
C ALA A 64 19.55 8.74 -2.75
N LYS A 65 20.88 8.70 -2.69
CA LYS A 65 21.65 9.83 -2.19
C LYS A 65 21.51 11.05 -3.11
N ARG A 66 21.11 10.81 -4.35
CA ARG A 66 20.95 11.89 -5.32
C ARG A 66 19.50 12.37 -5.42
N VAL A 67 18.62 11.76 -4.62
CA VAL A 67 17.24 12.22 -4.54
C VAL A 67 17.19 13.45 -3.62
N PRO A 68 16.68 14.57 -4.14
CA PRO A 68 16.65 15.84 -3.41
C PRO A 68 15.96 15.76 -2.06
N GLY A 69 16.71 16.04 -1.00
CA GLY A 69 16.15 16.02 0.36
C GLY A 69 16.60 14.80 1.14
N PHE A 70 16.94 13.73 0.43
CA PHE A 70 17.33 12.47 1.06
C PHE A 70 18.62 12.60 1.86
N VAL A 71 19.55 13.42 1.36
CA VAL A 71 20.85 13.58 1.97
C VAL A 71 20.76 14.45 3.24
N ASP A 72 19.70 15.24 3.34
CA ASP A 72 19.49 16.09 4.51
C ASP A 72 19.12 15.26 5.73
N LEU A 73 18.62 14.06 5.48
CA LEU A 73 18.24 13.14 6.56
C LEU A 73 19.47 12.63 7.29
N THR A 74 19.28 12.25 8.56
CA THR A 74 20.35 11.60 9.31
C THR A 74 20.67 10.27 8.66
N LEU A 75 21.87 9.75 8.90
CA LEU A 75 22.30 8.51 8.29
C LEU A 75 21.37 7.36 8.64
N HIS A 76 20.92 7.33 9.89
CA HIS A 76 20.03 6.28 10.37
C HIS A 76 18.67 6.33 9.68
N ASP A 77 18.18 7.54 9.41
CA ASP A 77 16.91 7.71 8.71
C ASP A 77 17.02 7.25 7.26
N GLN A 78 18.18 7.48 6.65
CA GLN A 78 18.43 7.01 5.28
C GLN A 78 18.39 5.49 5.23
N VAL A 79 19.02 4.87 6.23
CA VAL A 79 19.05 3.42 6.34
C VAL A 79 17.64 2.85 6.44
N HIS A 80 16.83 3.46 7.30
CA HIS A 80 15.47 2.97 7.53
C HIS A 80 14.60 3.06 6.28
N LEU A 81 14.70 4.16 5.55
CA LEU A 81 13.89 4.35 4.35
C LEU A 81 14.23 3.34 3.26
N LEU A 82 15.53 3.14 3.02
CA LEU A 82 15.98 2.18 2.03
C LEU A 82 15.60 0.75 2.42
N GLU A 83 15.73 0.44 3.71
CA GLU A 83 15.38 -0.89 4.22
C GLU A 83 13.91 -1.20 3.99
N CYS A 84 13.06 -0.19 4.15
CA CYS A 84 11.62 -0.36 3.98
C CYS A 84 11.22 -0.47 2.51
N ALA A 85 11.87 0.33 1.67
CA ALA A 85 11.38 0.57 0.32
C ALA A 85 12.13 -0.15 -0.80
N TRP A 86 13.21 -0.85 -0.47
CA TRP A 86 14.11 -1.37 -1.50
C TRP A 86 13.44 -2.32 -2.49
N LEU A 87 12.59 -3.21 -1.99
CA LEU A 87 11.92 -4.15 -2.88
C LEU A 87 10.83 -3.47 -3.69
N GLU A 88 10.19 -2.46 -3.10
CA GLU A 88 9.20 -1.65 -3.82
C GLU A 88 9.85 -0.97 -5.02
N ILE A 89 11.02 -0.40 -4.79
CA ILE A 89 11.74 0.35 -5.81
C ILE A 89 12.25 -0.56 -6.92
N LEU A 90 12.74 -1.75 -6.56
CA LEU A 90 13.14 -2.75 -7.53
C LEU A 90 11.95 -3.17 -8.40
N MET A 91 10.80 -3.34 -7.76
CA MET A 91 9.61 -3.81 -8.46
C MET A 91 9.04 -2.77 -9.42
N ILE A 92 8.91 -1.52 -8.97
CA ILE A 92 8.39 -0.47 -9.84
C ILE A 92 9.39 -0.18 -10.97
N GLY A 93 10.66 -0.50 -10.72
CA GLY A 93 11.67 -0.41 -11.76
C GLY A 93 11.43 -1.51 -12.78
N LEU A 94 11.24 -2.74 -12.28
CA LEU A 94 10.94 -3.90 -13.12
C LEU A 94 9.68 -3.68 -13.94
N VAL A 95 8.63 -3.18 -13.28
CA VAL A 95 7.35 -2.93 -13.94
C VAL A 95 7.50 -1.86 -15.03
N TRP A 96 8.31 -0.84 -14.75
CA TRP A 96 8.56 0.23 -15.72
C TRP A 96 9.30 -0.28 -16.94
N ARG A 97 10.30 -1.15 -16.73
CA ARG A 97 11.07 -1.70 -17.84
C ARG A 97 10.23 -2.64 -18.69
N SER A 98 9.29 -3.34 -18.05
CA SER A 98 8.46 -4.33 -18.71
C SER A 98 7.27 -3.72 -19.42
N MET A 99 7.23 -2.38 -19.46
CA MET A 99 6.06 -1.65 -19.95
C MET A 99 5.81 -1.85 -21.44
N GLU A 100 6.88 -1.94 -22.23
CA GLU A 100 6.75 -2.09 -23.67
C GLU A 100 6.81 -3.57 -24.07
N HIS A 101 6.64 -4.45 -23.09
CA HIS A 101 6.65 -5.88 -23.34
C HIS A 101 5.51 -6.59 -22.62
N PRO A 102 4.29 -6.47 -23.16
CA PRO A 102 3.08 -7.05 -22.55
C PRO A 102 3.17 -8.56 -22.37
N GLY A 103 2.78 -9.04 -21.19
CA GLY A 103 2.79 -10.48 -20.92
C GLY A 103 4.14 -10.99 -20.46
N LYS A 104 5.15 -10.13 -20.50
CA LYS A 104 6.49 -10.52 -20.11
C LYS A 104 7.10 -9.53 -19.12
N LEU A 105 8.06 -10.03 -18.33
CA LEU A 105 8.76 -9.18 -17.35
C LEU A 105 10.22 -9.03 -17.74
N LEU A 106 10.64 -7.80 -18.00
CA LEU A 106 12.01 -7.52 -18.39
C LEU A 106 12.88 -7.22 -17.17
N PHE A 107 13.38 -8.28 -16.53
CA PHE A 107 14.30 -8.13 -15.41
C PHE A 107 15.61 -7.51 -15.91
N ALA A 108 16.02 -7.96 -17.09
CA ALA A 108 17.21 -7.43 -17.77
C ALA A 108 16.99 -7.56 -19.27
N PRO A 109 17.69 -6.74 -20.08
CA PRO A 109 17.55 -6.82 -21.53
C PRO A 109 17.76 -8.23 -22.09
N ASN A 110 18.57 -9.03 -21.40
CA ASN A 110 18.79 -10.42 -21.81
C ASN A 110 18.05 -11.40 -20.91
N LEU A 111 17.06 -10.92 -20.17
CA LEU A 111 16.28 -11.78 -19.30
C LEU A 111 14.81 -11.38 -19.25
N LEU A 112 14.02 -11.97 -20.14
CA LEU A 112 12.57 -11.75 -20.14
C LEU A 112 11.85 -13.01 -19.68
N LEU A 113 11.05 -12.88 -18.63
CA LEU A 113 10.32 -14.01 -18.08
C LEU A 113 8.81 -13.83 -18.21
N ASP A 114 8.10 -14.93 -18.39
CA ASP A 114 6.65 -14.90 -18.48
C ASP A 114 6.01 -15.73 -17.36
N ARG A 115 4.69 -15.88 -17.44
CA ARG A 115 3.93 -16.65 -16.47
C ARG A 115 4.49 -18.05 -16.23
N ASN A 116 4.73 -18.77 -17.32
CA ASN A 116 5.10 -20.18 -17.26
C ASN A 116 6.40 -20.43 -16.51
N GLN A 117 7.30 -19.44 -16.50
CA GLN A 117 8.55 -19.57 -15.78
C GLN A 117 8.39 -19.16 -14.32
N GLY A 118 7.31 -18.45 -14.03
CA GLY A 118 6.96 -18.14 -12.66
C GLY A 118 6.51 -19.40 -11.94
N LYS A 119 5.88 -20.30 -12.68
CA LYS A 119 5.37 -21.55 -12.13
C LYS A 119 6.52 -22.44 -11.61
N CYS A 120 7.72 -22.20 -12.10
CA CYS A 120 8.95 -22.88 -11.70
C CYS A 120 9.18 -22.92 -10.20
N VAL A 121 9.03 -21.75 -9.58
CA VAL A 121 9.18 -21.63 -8.15
C VAL A 121 7.81 -21.72 -7.50
N GLU A 122 7.71 -22.59 -6.49
CA GLU A 122 6.47 -22.79 -5.76
C GLU A 122 5.95 -21.50 -5.15
N GLY A 123 4.78 -21.05 -5.61
CA GLY A 123 4.18 -19.82 -5.14
C GLY A 123 4.94 -18.60 -5.65
N MET A 124 5.02 -18.48 -6.97
CA MET A 124 5.78 -17.39 -7.58
C MET A 124 4.98 -16.71 -8.70
N VAL A 125 4.09 -17.46 -9.33
CA VAL A 125 3.34 -16.97 -10.46
C VAL A 125 2.32 -15.90 -10.05
N GLU A 126 1.88 -15.92 -8.79
CA GLU A 126 0.90 -14.95 -8.33
C GLU A 126 1.48 -13.54 -8.25
N ILE A 127 2.74 -13.43 -7.83
CA ILE A 127 3.40 -12.13 -7.81
C ILE A 127 3.65 -11.67 -9.24
N PHE A 128 4.02 -12.63 -10.10
CA PHE A 128 4.20 -12.38 -11.52
C PHE A 128 2.97 -11.72 -12.13
N ASP A 129 1.80 -12.31 -11.90
CA ASP A 129 0.54 -11.79 -12.42
C ASP A 129 0.27 -10.38 -11.91
N MET A 130 0.55 -10.15 -10.63
CA MET A 130 0.41 -8.83 -10.03
C MET A 130 1.33 -7.82 -10.70
N LEU A 131 2.56 -8.27 -10.96
CA LEU A 131 3.56 -7.43 -11.63
C LEU A 131 3.16 -7.17 -13.09
N LEU A 132 2.69 -8.20 -13.76
CA LEU A 132 2.22 -8.06 -15.14
C LEU A 132 1.02 -7.13 -15.23
N ALA A 133 0.13 -7.24 -14.26
CA ALA A 133 -1.06 -6.39 -14.21
C ALA A 133 -0.69 -4.93 -14.01
N THR A 134 0.28 -4.69 -13.13
CA THR A 134 0.75 -3.34 -12.87
C THR A 134 1.42 -2.74 -14.10
N SER A 135 2.15 -3.59 -14.82
CA SER A 135 2.84 -3.16 -16.04
C SER A 135 1.84 -2.79 -17.13
N SER A 136 0.80 -3.61 -17.27
CA SER A 136 -0.27 -3.33 -18.22
C SER A 136 -0.99 -2.04 -17.85
N ARG A 137 -1.17 -1.84 -16.55
CA ARG A 137 -1.81 -0.63 -16.03
C ARG A 137 -1.01 0.62 -16.38
N PHE A 138 0.31 0.53 -16.26
CA PHE A 138 1.19 1.65 -16.58
C PHE A 138 1.10 2.05 -18.05
N ARG A 139 1.09 1.05 -18.92
CA ARG A 139 1.08 1.29 -20.36
C ARG A 139 -0.25 1.86 -20.84
N MET A 140 -1.35 1.38 -20.26
CA MET A 140 -2.67 1.89 -20.60
C MET A 140 -2.83 3.33 -20.12
N MET A 141 -2.14 3.68 -19.04
CA MET A 141 -2.15 5.05 -18.54
C MET A 141 -1.18 5.94 -19.33
N ASN A 142 -0.36 5.29 -20.15
CA ASN A 142 0.71 5.98 -20.88
C ASN A 142 1.62 6.71 -19.90
N LEU A 143 2.12 5.97 -18.91
CA LEU A 143 3.02 6.52 -17.91
C LEU A 143 4.29 7.05 -18.55
N GLN A 144 4.66 8.27 -18.19
CA GLN A 144 5.86 8.90 -18.73
C GLN A 144 7.05 8.72 -17.81
N GLY A 145 8.25 8.80 -18.37
CA GLY A 145 9.47 8.67 -17.60
C GLY A 145 9.61 9.70 -16.52
N GLU A 146 9.13 10.92 -16.80
CA GLU A 146 9.15 12.00 -15.84
C GLU A 146 8.23 11.69 -14.66
N GLU A 147 7.12 11.04 -14.94
CA GLU A 147 6.17 10.64 -13.91
C GLU A 147 6.70 9.47 -13.10
N PHE A 148 7.39 8.55 -13.79
CA PHE A 148 7.93 7.36 -13.16
C PHE A 148 8.97 7.68 -12.09
N VAL A 149 9.90 8.58 -12.39
CA VAL A 149 10.95 8.93 -11.46
C VAL A 149 10.40 9.70 -10.26
N CYS A 150 9.28 10.38 -10.45
CA CYS A 150 8.60 11.06 -9.34
C CYS A 150 7.98 10.03 -8.42
N LEU A 151 7.29 9.05 -9.01
CA LEU A 151 6.66 7.97 -8.25
C LEU A 151 7.67 7.18 -7.44
N LYS A 152 8.83 6.91 -8.04
CA LYS A 152 9.85 6.11 -7.38
C LYS A 152 10.47 6.84 -6.19
N SER A 153 10.64 8.14 -6.33
CA SER A 153 11.15 8.97 -5.24
C SER A 153 10.15 9.05 -4.10
N ILE A 154 8.87 9.13 -4.45
CA ILE A 154 7.80 9.16 -3.47
C ILE A 154 7.83 7.90 -2.61
N ILE A 155 7.97 6.75 -3.27
CA ILE A 155 8.07 5.46 -2.60
C ILE A 155 9.23 5.45 -1.59
N LEU A 156 10.37 5.97 -2.01
CA LEU A 156 11.56 6.04 -1.17
C LEU A 156 11.30 6.82 0.11
N LEU A 157 10.63 7.97 -0.01
CA LEU A 157 10.45 8.87 1.11
C LEU A 157 9.20 8.55 1.94
N ASN A 158 8.22 7.91 1.32
CA ASN A 158 6.95 7.67 1.99
C ASN A 158 6.89 6.35 2.77
N SER A 159 7.33 5.27 2.12
CA SER A 159 7.13 3.92 2.65
C SER A 159 7.54 3.70 4.11
N GLY A 160 8.58 4.40 4.55
CA GLY A 160 9.08 4.22 5.90
C GLY A 160 8.93 5.43 6.80
N VAL A 161 8.05 6.35 6.42
CA VAL A 161 7.95 7.62 7.14
C VAL A 161 7.18 7.51 8.46
N TYR A 162 6.32 6.50 8.58
CA TYR A 162 5.52 6.35 9.80
C TYR A 162 6.08 5.31 10.76
N THR A 163 7.28 4.82 10.45
CA THR A 163 7.94 3.86 11.34
C THR A 163 9.08 4.55 12.07
N PHE A 164 9.04 5.89 12.07
CA PHE A 164 9.98 6.69 12.85
C PHE A 164 9.42 6.97 14.24
N LYS A 175 9.63 15.46 11.78
CA LYS A 175 9.53 14.68 10.55
C LYS A 175 8.83 15.47 9.45
N ASP A 176 8.75 16.78 9.62
CA ASP A 176 8.07 17.64 8.67
C ASP A 176 8.84 17.80 7.36
N HIS A 177 10.15 17.54 7.42
CA HIS A 177 10.99 17.69 6.23
C HIS A 177 10.55 16.76 5.10
N ILE A 178 10.41 15.49 5.42
CA ILE A 178 10.00 14.49 4.43
C ILE A 178 8.65 14.83 3.81
N HIS A 179 7.69 15.18 4.65
CA HIS A 179 6.35 15.55 4.18
C HIS A 179 6.38 16.76 3.27
N ARG A 180 7.30 17.69 3.54
CA ARG A 180 7.40 18.90 2.73
C ARG A 180 8.12 18.60 1.41
N VAL A 181 8.99 17.59 1.43
CA VAL A 181 9.62 17.13 0.19
C VAL A 181 8.61 16.34 -0.62
N LEU A 182 7.80 15.54 0.08
CA LEU A 182 6.73 14.77 -0.56
C LEU A 182 5.70 15.71 -1.21
N ASP A 183 5.39 16.80 -0.52
CA ASP A 183 4.46 17.80 -1.05
C ASP A 183 5.00 18.41 -2.34
N LYS A 184 6.30 18.59 -2.40
CA LYS A 184 6.92 19.25 -3.54
C LYS A 184 7.00 18.32 -4.76
N ILE A 185 7.16 17.03 -4.51
CA ILE A 185 7.13 16.06 -5.60
C ILE A 185 5.74 16.04 -6.22
N THR A 186 4.73 16.21 -5.38
CA THR A 186 3.35 16.33 -5.85
C THR A 186 3.20 17.55 -6.74
N ASP A 187 3.78 18.67 -6.30
CA ASP A 187 3.81 19.89 -7.11
C ASP A 187 4.45 19.60 -8.47
N THR A 188 5.50 18.80 -8.46
CA THR A 188 6.22 18.44 -9.67
C THR A 188 5.36 17.56 -10.58
N LEU A 189 4.69 16.58 -10.00
CA LEU A 189 3.81 15.69 -10.77
C LEU A 189 2.70 16.47 -11.47
N ILE A 190 2.06 17.37 -10.75
CA ILE A 190 1.02 18.21 -11.32
C ILE A 190 1.59 19.11 -12.41
N HIS A 191 2.77 19.67 -12.15
CA HIS A 191 3.46 20.52 -13.11
C HIS A 191 3.71 19.80 -14.43
N LEU A 192 4.04 18.51 -14.34
CA LEU A 192 4.29 17.69 -15.52
C LEU A 192 2.99 17.44 -16.30
N MET A 193 1.91 17.19 -15.57
CA MET A 193 0.62 16.91 -16.19
C MET A 193 0.03 18.16 -16.84
N ALA A 194 0.21 19.31 -16.19
CA ALA A 194 -0.24 20.58 -16.75
C ALA A 194 0.53 20.90 -18.01
N LYS A 195 1.83 20.60 -18.00
CA LYS A 195 2.69 20.81 -19.16
C LYS A 195 2.25 19.97 -20.35
N ALA A 196 1.74 18.77 -20.06
CA ALA A 196 1.30 17.86 -21.10
C ALA A 196 -0.10 18.24 -21.62
N GLY A 197 -0.62 19.36 -21.15
CA GLY A 197 -1.87 19.90 -21.65
C GLY A 197 -3.12 19.32 -21.01
N LEU A 198 -2.95 18.65 -19.87
CA LEU A 198 -4.09 18.07 -19.17
C LEU A 198 -4.93 19.14 -18.48
N THR A 199 -6.25 18.95 -18.50
CA THR A 199 -7.15 19.87 -17.82
C THR A 199 -7.05 19.69 -16.32
N LEU A 200 -7.60 20.65 -15.57
CA LEU A 200 -7.54 20.63 -14.11
C LEU A 200 -8.14 19.35 -13.53
N GLN A 201 -9.23 18.89 -14.10
CA GLN A 201 -9.88 17.66 -13.65
C GLN A 201 -9.02 16.45 -14.00
N GLN A 202 -8.46 16.46 -15.21
CA GLN A 202 -7.60 15.37 -15.65
C GLN A 202 -6.33 15.28 -14.82
N GLN A 203 -5.92 16.41 -14.24
CA GLN A 203 -4.69 16.46 -13.44
C GLN A 203 -4.84 15.74 -12.11
N HIS A 204 -5.85 16.10 -11.33
CA HIS A 204 -6.01 15.50 -10.01
C HIS A 204 -6.52 14.06 -10.10
N GLN A 205 -7.22 13.75 -11.19
CA GLN A 205 -7.66 12.38 -11.42
C GLN A 205 -6.48 11.47 -11.71
N ARG A 206 -5.56 11.93 -12.55
CA ARG A 206 -4.38 11.15 -12.89
C ARG A 206 -3.44 11.03 -11.70
N LEU A 207 -3.31 12.11 -10.94
CA LEU A 207 -2.51 12.10 -9.72
C LEU A 207 -3.00 11.01 -8.78
N ALA A 208 -4.32 10.94 -8.62
CA ALA A 208 -4.94 9.95 -7.77
C ALA A 208 -4.70 8.55 -8.29
N GLN A 209 -4.83 8.37 -9.60
CA GLN A 209 -4.63 7.08 -10.24
C GLN A 209 -3.21 6.57 -10.05
N LEU A 210 -2.23 7.45 -10.23
CA LEU A 210 -0.83 7.09 -10.08
C LEU A 210 -0.50 6.67 -8.65
N LEU A 211 -1.03 7.42 -7.68
CA LEU A 211 -0.72 7.18 -6.28
C LEU A 211 -1.38 5.93 -5.73
N LEU A 212 -2.53 5.58 -6.27
CA LEU A 212 -3.23 4.35 -5.85
C LEU A 212 -2.45 3.11 -6.26
N ILE A 213 -1.64 3.24 -7.31
CA ILE A 213 -0.79 2.16 -7.77
C ILE A 213 0.24 1.80 -6.69
N LEU A 214 0.69 2.81 -5.96
CA LEU A 214 1.68 2.63 -4.91
C LEU A 214 1.18 1.71 -3.80
N SER A 215 -0.13 1.68 -3.61
CA SER A 215 -0.75 0.80 -2.63
C SER A 215 -0.56 -0.66 -3.02
N HIS A 216 -0.68 -0.94 -4.32
CA HIS A 216 -0.51 -2.29 -4.84
C HIS A 216 0.96 -2.69 -4.92
N ILE A 217 1.80 -1.72 -5.24
CA ILE A 217 3.24 -1.93 -5.26
C ILE A 217 3.72 -2.29 -3.86
N ARG A 218 3.15 -1.62 -2.85
CA ARG A 218 3.42 -1.95 -1.46
C ARG A 218 3.00 -3.37 -1.15
N HIS A 219 1.83 -3.76 -1.65
CA HIS A 219 1.29 -5.09 -1.41
C HIS A 219 2.16 -6.16 -2.07
N MET A 220 2.60 -5.89 -3.30
CA MET A 220 3.46 -6.81 -4.02
C MET A 220 4.80 -7.00 -3.31
N SER A 221 5.29 -5.91 -2.71
CA SER A 221 6.54 -5.95 -1.97
C SER A 221 6.43 -6.84 -0.73
N ASN A 222 5.34 -6.68 0.00
CA ASN A 222 5.11 -7.46 1.22
C ASN A 222 4.97 -8.95 0.92
N LYS A 223 4.32 -9.27 -0.20
CA LYS A 223 4.16 -10.67 -0.60
C LYS A 223 5.49 -11.23 -1.12
N GLY A 224 6.26 -10.38 -1.77
CA GLY A 224 7.57 -10.76 -2.27
C GLY A 224 8.55 -11.01 -1.14
N MET A 225 8.46 -10.17 -0.10
CA MET A 225 9.35 -10.27 1.05
C MET A 225 9.15 -11.60 1.78
N GLU A 226 7.89 -12.00 1.93
CA GLU A 226 7.56 -13.29 2.54
C GLU A 226 8.17 -14.43 1.75
N HIS A 227 8.16 -14.29 0.42
CA HIS A 227 8.71 -15.32 -0.44
C HIS A 227 10.22 -15.41 -0.32
N LEU A 228 10.89 -14.25 -0.25
CA LEU A 228 12.33 -14.21 -0.08
C LEU A 228 12.73 -14.77 1.27
N TYR A 229 11.92 -14.50 2.28
CA TYR A 229 12.13 -15.04 3.62
C TYR A 229 12.03 -16.56 3.59
N SER A 230 11.12 -17.06 2.76
CA SER A 230 10.95 -18.50 2.60
C SER A 230 12.16 -19.12 1.90
N MET A 231 12.71 -18.40 0.93
CA MET A 231 13.88 -18.89 0.20
C MET A 231 15.10 -18.92 1.10
N LYS A 232 15.18 -17.97 2.03
CA LYS A 232 16.26 -17.93 3.00
C LYS A 232 16.22 -19.14 3.92
N CYS A 233 15.02 -19.47 4.41
CA CYS A 233 14.82 -20.62 5.27
C CYS A 233 15.08 -21.91 4.50
N LYS A 234 14.73 -21.90 3.22
CA LYS A 234 14.97 -23.05 2.34
C LYS A 234 16.46 -23.27 2.15
N ASN A 235 17.21 -22.17 2.17
CA ASN A 235 18.67 -22.19 2.10
C ASN A 235 19.21 -22.93 0.87
N VAL A 236 18.42 -22.96 -0.21
CA VAL A 236 18.86 -23.58 -1.44
C VAL A 236 19.59 -22.56 -2.30
N VAL A 237 19.03 -21.36 -2.39
CA VAL A 237 19.70 -20.24 -3.05
C VAL A 237 20.47 -19.42 -2.03
N PRO A 238 21.79 -19.28 -2.23
CA PRO A 238 22.61 -18.51 -1.29
C PRO A 238 22.40 -17.00 -1.46
N LEU A 239 21.94 -16.35 -0.38
CA LEU A 239 21.77 -14.91 -0.38
C LEU A 239 23.05 -14.21 0.02
N SER A 240 23.27 -13.01 -0.51
CA SER A 240 24.43 -12.22 -0.14
C SER A 240 24.19 -11.59 1.23
N ASP A 241 25.26 -11.13 1.87
CA ASP A 241 25.17 -10.51 3.18
C ASP A 241 24.34 -9.23 3.15
N LEU A 242 24.44 -8.51 2.04
CA LEU A 242 23.69 -7.27 1.88
C LEU A 242 22.18 -7.53 1.84
N LEU A 243 21.78 -8.49 1.00
CA LEU A 243 20.37 -8.84 0.87
C LEU A 243 19.82 -9.41 2.17
N LEU A 244 20.65 -10.20 2.86
CA LEU A 244 20.28 -10.77 4.15
C LEU A 244 19.94 -9.67 5.16
N GLU A 245 20.72 -8.59 5.14
CA GLU A 245 20.50 -7.48 6.06
C GLU A 245 19.28 -6.66 5.65
N MET A 246 19.06 -6.52 4.35
CA MET A 246 17.86 -5.83 3.85
C MET A 246 16.63 -6.67 4.17
N LEU A 247 16.77 -7.99 4.11
CA LEU A 247 15.67 -8.91 4.37
C LEU A 247 15.35 -8.98 5.86
N ASP A 248 16.39 -9.00 6.69
CA ASP A 248 16.22 -9.09 8.14
C ASP A 248 15.58 -7.84 8.73
N ALA A 249 15.63 -6.74 7.99
CA ALA A 249 15.10 -5.46 8.46
C ALA A 249 13.58 -5.46 8.52
N HIS A 250 12.95 -6.41 7.83
CA HIS A 250 11.49 -6.47 7.78
C HIS A 250 10.92 -7.39 8.85
N ARG A 251 11.55 -8.55 9.05
CA ARG A 251 11.12 -9.49 10.09
C ARG A 251 12.22 -10.51 10.37
N SER B 8 -25.08 2.71 -14.93
CA SER B 8 -24.99 2.84 -13.48
C SER B 8 -25.83 3.99 -12.97
N LEU B 9 -25.74 4.25 -11.67
CA LEU B 9 -26.42 5.38 -11.06
C LEU B 9 -25.42 6.18 -10.23
N ALA B 10 -24.27 5.59 -9.98
CA ALA B 10 -23.21 6.22 -9.21
C ALA B 10 -22.49 7.29 -10.03
N LEU B 11 -22.38 7.04 -11.33
CA LEU B 11 -21.71 7.97 -12.23
C LEU B 11 -22.50 9.26 -12.38
N SER B 12 -23.81 9.17 -12.22
CA SER B 12 -24.69 10.33 -12.37
C SER B 12 -24.77 11.14 -11.08
N LEU B 13 -24.17 10.63 -10.01
CA LEU B 13 -24.21 11.29 -8.72
C LEU B 13 -23.30 12.50 -8.65
N THR B 14 -23.82 13.60 -8.13
CA THR B 14 -23.02 14.79 -7.89
C THR B 14 -22.10 14.54 -6.70
N ALA B 15 -21.18 15.48 -6.46
CA ALA B 15 -20.21 15.32 -5.38
C ALA B 15 -20.87 15.29 -4.01
N ASP B 16 -21.83 16.19 -3.80
CA ASP B 16 -22.50 16.29 -2.50
C ASP B 16 -23.43 15.11 -2.26
N GLN B 17 -24.04 14.60 -3.33
CA GLN B 17 -24.87 13.40 -3.25
C GLN B 17 -24.02 12.21 -2.84
N MET B 18 -22.81 12.14 -3.40
CA MET B 18 -21.85 11.10 -3.07
C MET B 18 -21.52 11.10 -1.58
N VAL B 19 -21.16 12.28 -1.07
CA VAL B 19 -20.84 12.45 0.35
C VAL B 19 -22.01 12.03 1.24
N SER B 20 -23.20 12.53 0.91
CA SER B 20 -24.41 12.21 1.67
C SER B 20 -24.64 10.71 1.74
N ALA B 21 -24.69 10.08 0.57
CA ALA B 21 -24.92 8.64 0.47
C ALA B 21 -23.89 7.84 1.27
N LEU B 22 -22.64 8.29 1.22
CA LEU B 22 -21.57 7.63 1.96
C LEU B 22 -21.73 7.82 3.47
N LEU B 23 -22.08 9.04 3.87
CA LEU B 23 -22.25 9.35 5.30
C LEU B 23 -23.45 8.61 5.88
N ASP B 24 -24.49 8.43 5.08
CA ASP B 24 -25.67 7.71 5.53
C ASP B 24 -25.43 6.21 5.62
N ALA B 25 -24.44 5.73 4.88
CA ALA B 25 -24.15 4.29 4.82
C ALA B 25 -23.21 3.85 5.93
N GLU B 26 -22.71 4.82 6.70
CA GLU B 26 -21.76 4.53 7.77
C GLU B 26 -22.28 3.49 8.77
N PRO B 27 -21.47 2.45 9.03
CA PRO B 27 -21.82 1.44 10.02
C PRO B 27 -21.74 2.02 11.42
N PRO B 28 -22.45 1.43 12.38
CA PRO B 28 -22.40 1.95 13.75
C PRO B 28 -21.14 1.52 14.47
N ILE B 29 -20.80 2.21 15.55
CA ILE B 29 -19.66 1.82 16.37
C ILE B 29 -20.09 0.78 17.39
N LEU B 30 -19.70 -0.46 17.14
CA LEU B 30 -20.11 -1.58 17.98
C LEU B 30 -19.35 -1.60 19.31
N TYR B 31 -19.95 -2.23 20.30
CA TYR B 31 -19.33 -2.34 21.62
C TYR B 31 -18.58 -3.66 21.78
N SER B 32 -17.56 -3.64 22.64
CA SER B 32 -16.81 -4.83 22.98
C SER B 32 -17.48 -5.56 24.13
N GLU B 33 -16.87 -6.65 24.58
CA GLU B 33 -17.36 -7.39 25.73
C GLU B 33 -16.44 -7.16 26.92
N TYR B 34 -15.53 -6.20 26.76
CA TYR B 34 -14.51 -5.90 27.76
C TYR B 34 -15.08 -5.62 29.16
N ASP B 35 -14.58 -6.36 30.14
CA ASP B 35 -14.93 -6.14 31.53
C ASP B 35 -13.70 -5.66 32.29
N PRO B 36 -13.67 -4.37 32.64
CA PRO B 36 -12.53 -3.71 33.30
C PRO B 36 -12.11 -4.40 34.61
N THR B 37 -13.02 -5.16 35.20
CA THR B 37 -12.74 -5.87 36.45
C THR B 37 -12.19 -7.27 36.16
N ARG B 38 -12.63 -7.87 35.06
CA ARG B 38 -12.15 -9.17 34.63
C ARG B 38 -10.66 -9.11 34.32
N PRO B 39 -9.95 -10.25 34.46
CA PRO B 39 -8.52 -10.33 34.15
C PRO B 39 -8.21 -10.03 32.67
N PHE B 40 -6.94 -10.17 32.31
CA PHE B 40 -6.52 -9.91 30.94
C PHE B 40 -5.53 -10.97 30.46
N SER B 41 -6.05 -12.08 29.96
CA SER B 41 -5.22 -13.19 29.51
C SER B 41 -4.33 -12.83 28.33
N GLU B 42 -4.73 -11.80 27.58
CA GLU B 42 -4.08 -11.37 26.34
C GLU B 42 -4.28 -12.42 25.24
N ALA B 43 -4.94 -13.52 25.58
CA ALA B 43 -5.47 -14.46 24.62
C ALA B 43 -6.97 -14.27 24.61
N SER B 44 -7.45 -13.56 25.63
CA SER B 44 -8.85 -13.16 25.74
C SER B 44 -9.02 -11.77 25.14
N MET B 45 -7.94 -10.99 25.15
CA MET B 45 -7.91 -9.70 24.47
C MET B 45 -8.12 -9.93 22.98
N MET B 46 -7.40 -10.89 22.43
CA MET B 46 -7.57 -11.28 21.04
C MET B 46 -8.94 -11.91 20.84
N GLY B 47 -9.46 -12.55 21.88
CA GLY B 47 -10.79 -13.11 21.85
C GLY B 47 -11.84 -12.01 21.71
N LEU B 48 -11.68 -10.96 22.50
CA LEU B 48 -12.55 -9.79 22.44
C LEU B 48 -12.50 -9.16 21.05
N LEU B 49 -11.28 -8.93 20.56
CA LEU B 49 -11.06 -8.29 19.27
C LEU B 49 -11.61 -9.14 18.13
N THR B 50 -11.46 -10.46 18.25
CA THR B 50 -11.98 -11.38 17.24
C THR B 50 -13.50 -11.33 17.20
N ASN B 51 -14.13 -11.38 18.38
CA ASN B 51 -15.58 -11.25 18.49
C ASN B 51 -16.07 -9.92 17.92
N LEU B 52 -15.34 -8.86 18.25
CA LEU B 52 -15.67 -7.52 17.79
C LEU B 52 -15.61 -7.41 16.27
N ALA B 53 -14.48 -7.81 15.70
CA ALA B 53 -14.27 -7.73 14.26
C ALA B 53 -15.29 -8.56 13.49
N ASP B 54 -15.61 -9.73 14.01
CA ASP B 54 -16.57 -10.63 13.39
C ASP B 54 -17.96 -9.98 13.26
N ARG B 55 -18.33 -9.20 14.27
CA ARG B 55 -19.61 -8.49 14.24
C ARG B 55 -19.53 -7.26 13.34
N GLU B 56 -18.35 -6.64 13.29
CA GLU B 56 -18.14 -5.49 12.42
C GLU B 56 -18.23 -5.89 10.94
N LEU B 57 -17.79 -7.10 10.65
CA LEU B 57 -17.79 -7.61 9.27
C LEU B 57 -19.20 -7.65 8.70
N VAL B 58 -20.17 -8.03 9.53
CA VAL B 58 -21.56 -8.13 9.10
C VAL B 58 -22.10 -6.76 8.71
N HIS B 59 -21.70 -5.72 9.45
CA HIS B 59 -22.09 -4.36 9.13
C HIS B 59 -21.32 -3.83 7.93
N MET B 60 -20.06 -4.22 7.80
CA MET B 60 -19.22 -3.80 6.68
C MET B 60 -19.78 -4.29 5.35
N ILE B 61 -20.20 -5.55 5.32
CA ILE B 61 -20.74 -6.16 4.12
C ILE B 61 -21.99 -5.41 3.63
N ASN B 62 -22.88 -5.08 4.56
CA ASN B 62 -24.08 -4.33 4.23
C ASN B 62 -23.76 -2.86 3.93
N TRP B 63 -22.67 -2.36 4.53
CA TRP B 63 -22.18 -1.02 4.20
C TRP B 63 -21.65 -0.98 2.78
N ALA B 64 -20.95 -2.05 2.39
CA ALA B 64 -20.36 -2.14 1.06
C ALA B 64 -21.41 -2.11 -0.04
N LYS B 65 -22.59 -2.66 0.26
CA LYS B 65 -23.67 -2.72 -0.72
C LYS B 65 -24.31 -1.37 -0.94
N ARG B 66 -23.99 -0.40 -0.09
CA ARG B 66 -24.53 0.95 -0.23
C ARG B 66 -23.48 1.92 -0.79
N VAL B 67 -22.26 1.43 -0.95
CA VAL B 67 -21.21 2.20 -1.60
C VAL B 67 -21.50 2.30 -3.09
N PRO B 68 -21.60 3.53 -3.62
CA PRO B 68 -21.94 3.80 -5.02
C PRO B 68 -21.07 3.02 -6.01
N GLY B 69 -21.73 2.25 -6.87
CA GLY B 69 -21.04 1.49 -7.90
C GLY B 69 -20.83 0.02 -7.54
N PHE B 70 -20.71 -0.26 -6.25
CA PHE B 70 -20.39 -1.59 -5.77
C PHE B 70 -21.43 -2.65 -6.16
N VAL B 71 -22.70 -2.27 -6.12
CA VAL B 71 -23.79 -3.20 -6.42
C VAL B 71 -23.78 -3.59 -7.91
N ASP B 72 -23.34 -2.66 -8.76
CA ASP B 72 -23.30 -2.89 -10.20
C ASP B 72 -22.33 -4.00 -10.60
N LEU B 73 -21.49 -4.44 -9.65
CA LEU B 73 -20.48 -5.46 -9.90
C LEU B 73 -21.06 -6.87 -9.78
N THR B 74 -20.47 -7.83 -10.48
CA THR B 74 -20.85 -9.24 -10.28
C THR B 74 -20.61 -9.65 -8.83
N LEU B 75 -21.36 -10.65 -8.40
CA LEU B 75 -21.28 -11.13 -7.03
C LEU B 75 -19.91 -11.69 -6.72
N HIS B 76 -19.29 -12.33 -7.71
CA HIS B 76 -17.96 -12.91 -7.55
C HIS B 76 -16.91 -11.83 -7.32
N ASP B 77 -17.07 -10.69 -7.98
CA ASP B 77 -16.14 -9.58 -7.84
C ASP B 77 -16.36 -8.85 -6.51
N GLN B 78 -17.61 -8.78 -6.07
CA GLN B 78 -17.93 -8.20 -4.77
C GLN B 78 -17.24 -8.99 -3.65
N VAL B 79 -17.29 -10.31 -3.76
CA VAL B 79 -16.64 -11.19 -2.82
C VAL B 79 -15.14 -10.93 -2.77
N HIS B 80 -14.54 -10.79 -3.94
CA HIS B 80 -13.10 -10.59 -4.05
C HIS B 80 -12.63 -9.29 -3.41
N LEU B 81 -13.36 -8.21 -3.63
CA LEU B 81 -12.99 -6.89 -3.11
C LEU B 81 -13.02 -6.85 -1.59
N LEU B 82 -14.03 -7.47 -0.99
CA LEU B 82 -14.16 -7.49 0.47
C LEU B 82 -13.11 -8.40 1.09
N GLU B 83 -12.86 -9.54 0.44
CA GLU B 83 -11.84 -10.48 0.90
C GLU B 83 -10.46 -9.82 0.96
N CYS B 84 -10.20 -8.92 0.01
CA CYS B 84 -8.93 -8.23 -0.08
C CYS B 84 -8.80 -7.09 0.91
N ALA B 85 -9.91 -6.38 1.16
CA ALA B 85 -9.83 -5.10 1.83
C ALA B 85 -10.43 -5.06 3.24
N TRP B 86 -10.99 -6.17 3.70
CA TRP B 86 -11.76 -6.16 4.96
C TRP B 86 -10.93 -5.70 6.17
N LEU B 87 -9.67 -6.13 6.24
CA LEU B 87 -8.82 -5.74 7.36
C LEU B 87 -8.37 -4.29 7.22
N GLU B 88 -8.10 -3.87 5.99
CA GLU B 88 -7.79 -2.47 5.70
C GLU B 88 -8.91 -1.56 6.16
N ILE B 89 -10.14 -1.94 5.85
CA ILE B 89 -11.31 -1.16 6.18
C ILE B 89 -11.56 -1.15 7.68
N LEU B 90 -11.35 -2.30 8.33
CA LEU B 90 -11.44 -2.38 9.78
C LEU B 90 -10.39 -1.48 10.42
N MET B 91 -9.20 -1.46 9.83
CA MET B 91 -8.08 -0.70 10.40
C MET B 91 -8.23 0.81 10.25
N ILE B 92 -8.69 1.27 9.09
CA ILE B 92 -8.85 2.71 8.90
C ILE B 92 -10.03 3.21 9.73
N GLY B 93 -10.97 2.31 10.02
CA GLY B 93 -12.08 2.62 10.90
C GLY B 93 -11.58 2.79 12.32
N LEU B 94 -10.76 1.84 12.76
CA LEU B 94 -10.14 1.90 14.08
C LEU B 94 -9.32 3.17 14.27
N VAL B 95 -8.54 3.50 13.25
CA VAL B 95 -7.70 4.69 13.27
C VAL B 95 -8.53 5.97 13.34
N TRP B 96 -9.64 5.99 12.62
CA TRP B 96 -10.53 7.16 12.61
C TRP B 96 -11.20 7.36 13.97
N ARG B 97 -11.59 6.27 14.62
CA ARG B 97 -12.22 6.35 15.94
C ARG B 97 -11.23 6.80 17.00
N SER B 98 -9.95 6.48 16.79
CA SER B 98 -8.91 6.76 17.78
C SER B 98 -8.25 8.12 17.60
N MET B 99 -8.78 8.91 16.66
CA MET B 99 -8.15 10.17 16.25
C MET B 99 -7.97 11.16 17.40
N GLU B 100 -8.96 11.25 18.28
CA GLU B 100 -8.92 12.21 19.38
C GLU B 100 -8.51 11.56 20.70
N HIS B 101 -7.93 10.38 20.63
CA HIS B 101 -7.40 9.70 21.80
C HIS B 101 -5.92 9.36 21.58
N PRO B 102 -5.04 10.37 21.71
CA PRO B 102 -3.60 10.23 21.43
C PRO B 102 -2.94 9.15 22.26
N GLY B 103 -2.19 8.27 21.61
CA GLY B 103 -1.47 7.21 22.29
C GLY B 103 -2.36 6.03 22.67
N LYS B 104 -3.62 6.08 22.24
CA LYS B 104 -4.56 5.02 22.54
C LYS B 104 -5.37 4.63 21.30
N LEU B 105 -5.76 3.36 21.22
CA LEU B 105 -6.60 2.87 20.13
C LEU B 105 -8.00 2.56 20.65
N LEU B 106 -9.01 3.16 20.00
CA LEU B 106 -10.39 2.96 20.41
C LEU B 106 -11.02 1.83 19.60
N PHE B 107 -10.81 0.60 20.04
CA PHE B 107 -11.43 -0.56 19.41
C PHE B 107 -12.94 -0.50 19.60
N ALA B 108 -13.35 0.05 20.73
CA ALA B 108 -14.75 0.21 21.07
C ALA B 108 -14.86 1.31 22.13
N PRO B 109 -16.05 1.92 22.26
CA PRO B 109 -16.25 2.94 23.30
C PRO B 109 -15.85 2.47 24.69
N ASN B 110 -15.97 1.16 24.94
CA ASN B 110 -15.60 0.59 26.23
C ASN B 110 -14.25 -0.09 26.21
N LEU B 111 -13.56 -0.02 25.07
CA LEU B 111 -12.27 -0.69 24.93
C LEU B 111 -11.19 0.22 24.34
N LEU B 112 -10.49 0.93 25.21
CA LEU B 112 -9.34 1.75 24.80
C LEU B 112 -8.05 1.09 25.25
N LEU B 113 -7.13 0.90 24.31
CA LEU B 113 -5.86 0.23 24.61
C LEU B 113 -4.67 1.09 24.22
N ASP B 114 -3.60 0.99 24.99
CA ASP B 114 -2.36 1.69 24.67
C ASP B 114 -1.22 0.72 24.35
N ARG B 115 0.00 1.24 24.33
CA ARG B 115 1.17 0.48 23.87
C ARG B 115 1.46 -0.77 24.69
N ASN B 116 1.41 -0.66 26.01
CA ASN B 116 1.81 -1.77 26.87
C ASN B 116 0.72 -2.84 27.00
N GLN B 117 -0.32 -2.75 26.18
CA GLN B 117 -1.29 -3.83 26.06
C GLN B 117 -1.18 -4.52 24.72
N GLY B 118 -0.48 -3.88 23.77
CA GLY B 118 -0.27 -4.45 22.46
C GLY B 118 0.80 -5.53 22.50
N LYS B 119 1.78 -5.33 23.36
CA LYS B 119 2.85 -6.30 23.54
C LYS B 119 2.35 -7.54 24.27
N CYS B 120 1.15 -7.44 24.85
CA CYS B 120 0.53 -8.57 25.54
C CYS B 120 0.34 -9.72 24.57
N VAL B 121 0.27 -9.41 23.27
CA VAL B 121 0.21 -10.42 22.23
C VAL B 121 1.54 -10.44 21.47
N GLU B 122 1.99 -11.63 21.11
CA GLU B 122 3.30 -11.82 20.49
C GLU B 122 3.44 -11.06 19.16
N GLY B 123 4.41 -10.16 19.11
CA GLY B 123 4.71 -9.41 17.90
C GLY B 123 3.57 -8.59 17.35
N MET B 124 2.93 -7.82 18.22
CA MET B 124 1.76 -7.03 17.82
C MET B 124 1.95 -5.55 18.17
N VAL B 125 2.99 -5.25 18.95
CA VAL B 125 3.24 -3.90 19.42
C VAL B 125 3.64 -2.97 18.26
N GLU B 126 4.33 -3.52 17.27
CA GLU B 126 4.74 -2.73 16.11
C GLU B 126 3.53 -2.32 15.27
N ILE B 127 2.64 -3.27 15.03
CA ILE B 127 1.40 -2.99 14.32
C ILE B 127 0.59 -1.95 15.10
N PHE B 128 0.64 -2.06 16.42
CA PHE B 128 -0.01 -1.11 17.31
C PHE B 128 0.54 0.29 17.12
N ASP B 129 1.87 0.40 17.05
CA ASP B 129 2.54 1.67 16.88
C ASP B 129 2.29 2.28 15.51
N MET B 130 2.13 1.42 14.50
CA MET B 130 1.84 1.89 13.15
C MET B 130 0.45 2.52 13.08
N LEU B 131 -0.51 1.88 13.76
CA LEU B 131 -1.87 2.39 13.83
C LEU B 131 -1.91 3.74 14.55
N LEU B 132 -1.16 3.84 15.65
CA LEU B 132 -1.06 5.08 16.40
C LEU B 132 -0.47 6.19 15.54
N ALA B 133 0.54 5.84 14.75
CA ALA B 133 1.18 6.80 13.85
C ALA B 133 0.20 7.30 12.80
N THR B 134 -0.60 6.38 12.26
CA THR B 134 -1.61 6.73 11.29
C THR B 134 -2.67 7.64 11.91
N SER B 135 -3.05 7.32 13.14
CA SER B 135 -4.04 8.11 13.88
C SER B 135 -3.52 9.50 14.19
N SER B 136 -2.26 9.59 14.60
CA SER B 136 -1.63 10.86 14.86
C SER B 136 -1.51 11.68 13.57
N ARG B 137 -1.37 10.97 12.45
CA ARG B 137 -1.27 11.61 11.15
C ARG B 137 -2.60 12.23 10.72
N PHE B 138 -3.69 11.50 10.94
CA PHE B 138 -5.02 12.02 10.66
C PHE B 138 -5.33 13.23 11.51
N ARG B 139 -4.82 13.22 12.74
CA ARG B 139 -5.04 14.31 13.69
C ARG B 139 -4.35 15.58 13.24
N MET B 140 -3.08 15.46 12.85
CA MET B 140 -2.30 16.60 12.39
C MET B 140 -2.86 17.17 11.09
N MET B 141 -3.41 16.31 10.25
CA MET B 141 -4.02 16.72 9.00
C MET B 141 -5.41 17.30 9.21
N ASN B 142 -5.95 17.07 10.41
CA ASN B 142 -7.34 17.43 10.73
C ASN B 142 -8.29 16.80 9.71
N LEU B 143 -8.21 15.47 9.59
CA LEU B 143 -9.02 14.74 8.63
C LEU B 143 -10.51 14.92 8.92
N GLN B 144 -11.27 15.25 7.88
CA GLN B 144 -12.70 15.46 8.03
C GLN B 144 -13.47 14.17 7.80
N GLY B 145 -14.64 14.06 8.42
CA GLY B 145 -15.49 12.89 8.29
C GLY B 145 -15.87 12.63 6.85
N GLU B 146 -16.11 13.70 6.10
CA GLU B 146 -16.45 13.61 4.69
C GLU B 146 -15.30 13.02 3.88
N GLU B 147 -14.08 13.38 4.27
CA GLU B 147 -12.88 12.86 3.60
C GLU B 147 -12.63 11.41 3.99
N PHE B 148 -13.01 11.05 5.20
CA PHE B 148 -12.82 9.70 5.70
C PHE B 148 -13.64 8.66 4.94
N VAL B 149 -14.92 8.96 4.75
CA VAL B 149 -15.82 8.02 4.07
C VAL B 149 -15.44 7.86 2.61
N CYS B 150 -14.81 8.87 2.04
CA CYS B 150 -14.32 8.79 0.67
C CYS B 150 -13.13 7.85 0.60
N LEU B 151 -12.20 7.99 1.55
CA LEU B 151 -11.01 7.14 1.62
C LEU B 151 -11.39 5.67 1.81
N LYS B 152 -12.38 5.43 2.67
CA LYS B 152 -12.79 4.07 3.00
C LYS B 152 -13.39 3.37 1.79
N SER B 153 -14.20 4.11 1.02
CA SER B 153 -14.79 3.57 -0.19
C SER B 153 -13.72 3.32 -1.26
N ILE B 154 -12.72 4.19 -1.31
CA ILE B 154 -11.62 4.03 -2.25
C ILE B 154 -10.87 2.73 -1.98
N ILE B 155 -10.62 2.45 -0.71
CA ILE B 155 -9.94 1.22 -0.30
C ILE B 155 -10.72 -0.01 -0.75
N LEU B 156 -12.03 0.02 -0.55
CA LEU B 156 -12.91 -1.07 -0.95
C LEU B 156 -12.79 -1.39 -2.43
N LEU B 157 -12.81 -0.34 -3.26
CA LEU B 157 -12.80 -0.51 -4.71
C LEU B 157 -11.40 -0.75 -5.28
N ASN B 158 -10.39 -0.16 -4.65
CA ASN B 158 -9.04 -0.20 -5.21
C ASN B 158 -8.22 -1.42 -4.79
N SER B 159 -8.29 -1.78 -3.52
CA SER B 159 -7.37 -2.78 -2.93
C SER B 159 -7.32 -4.12 -3.66
N GLY B 160 -8.42 -4.50 -4.30
CA GLY B 160 -8.47 -5.78 -5.00
C GLY B 160 -8.72 -5.65 -6.50
N VAL B 161 -8.47 -4.47 -7.04
CA VAL B 161 -8.82 -4.20 -8.43
C VAL B 161 -7.77 -4.75 -9.41
N TYR B 162 -6.59 -5.10 -8.90
CA TYR B 162 -5.55 -5.68 -9.75
C TYR B 162 -5.24 -7.13 -9.35
N THR B 163 -6.26 -7.83 -8.87
CA THR B 163 -6.11 -9.24 -8.46
C THR B 163 -7.18 -10.13 -9.11
N PHE B 164 -8.02 -9.56 -9.97
CA PHE B 164 -9.03 -10.35 -10.65
C PHE B 164 -8.41 -11.43 -11.54
N GLU B 173 -12.80 -5.44 -18.95
CA GLU B 173 -14.09 -6.00 -18.55
C GLU B 173 -14.95 -4.94 -17.83
N GLU B 174 -15.16 -5.15 -16.54
CA GLU B 174 -15.94 -4.22 -15.74
C GLU B 174 -15.08 -3.57 -14.66
N LYS B 175 -13.77 -3.71 -14.83
CA LYS B 175 -12.80 -3.08 -13.95
C LYS B 175 -12.69 -1.59 -14.30
N ASP B 176 -13.09 -1.26 -15.52
CA ASP B 176 -13.12 0.13 -15.97
C ASP B 176 -14.23 0.90 -15.26
N HIS B 177 -15.30 0.19 -14.92
CA HIS B 177 -16.40 0.76 -14.17
C HIS B 177 -15.92 1.19 -12.79
N ILE B 178 -15.05 0.38 -12.20
CA ILE B 178 -14.46 0.70 -10.91
C ILE B 178 -13.57 1.93 -11.02
N HIS B 179 -12.77 2.00 -12.09
CA HIS B 179 -11.92 3.15 -12.35
C HIS B 179 -12.74 4.41 -12.56
N ARG B 180 -13.91 4.25 -13.17
CA ARG B 180 -14.82 5.37 -13.38
C ARG B 180 -15.34 5.91 -12.05
N VAL B 181 -15.72 4.99 -11.17
CA VAL B 181 -16.23 5.36 -9.85
C VAL B 181 -15.10 5.90 -8.98
N LEU B 182 -13.91 5.31 -9.11
CA LEU B 182 -12.74 5.77 -8.38
C LEU B 182 -12.40 7.21 -8.72
N ASP B 183 -12.52 7.56 -10.00
CA ASP B 183 -12.30 8.93 -10.45
C ASP B 183 -13.39 9.86 -9.90
N LYS B 184 -14.60 9.33 -9.78
CA LYS B 184 -15.72 10.10 -9.26
C LYS B 184 -15.52 10.46 -7.80
N ILE B 185 -14.88 9.55 -7.05
CA ILE B 185 -14.60 9.81 -5.64
C ILE B 185 -13.45 10.81 -5.51
N THR B 186 -12.53 10.79 -6.47
CA THR B 186 -11.44 11.76 -6.51
C THR B 186 -12.00 13.17 -6.74
N ASP B 187 -12.95 13.28 -7.66
CA ASP B 187 -13.65 14.54 -7.89
C ASP B 187 -14.30 15.03 -6.61
N THR B 188 -14.94 14.11 -5.89
CA THR B 188 -15.62 14.41 -4.64
C THR B 188 -14.63 14.92 -3.59
N LEU B 189 -13.49 14.25 -3.47
CA LEU B 189 -12.46 14.64 -2.51
C LEU B 189 -11.95 16.05 -2.77
N ILE B 190 -11.70 16.35 -4.05
CA ILE B 190 -11.27 17.69 -4.45
C ILE B 190 -12.34 18.72 -4.15
N HIS B 191 -13.59 18.36 -4.45
CA HIS B 191 -14.75 19.21 -4.18
C HIS B 191 -14.80 19.64 -2.72
N LEU B 192 -14.53 18.70 -1.83
CA LEU B 192 -14.53 18.97 -0.39
C LEU B 192 -13.42 19.93 0.00
N MET B 193 -12.24 19.75 -0.61
CA MET B 193 -11.08 20.57 -0.29
C MET B 193 -11.24 22.00 -0.80
N ALA B 194 -11.77 22.14 -2.01
CA ALA B 194 -12.06 23.45 -2.56
C ALA B 194 -13.14 24.13 -1.73
N LYS B 195 -14.06 23.33 -1.21
CA LYS B 195 -15.12 23.81 -0.35
C LYS B 195 -14.56 24.37 0.96
N ALA B 196 -13.50 23.73 1.46
CA ALA B 196 -12.87 24.14 2.70
C ALA B 196 -11.98 25.37 2.52
N GLY B 197 -11.92 25.87 1.29
CA GLY B 197 -11.19 27.09 1.00
C GLY B 197 -9.74 26.90 0.67
N LEU B 198 -9.34 25.64 0.44
CA LEU B 198 -7.96 25.34 0.09
C LEU B 198 -7.64 25.79 -1.33
N THR B 199 -6.45 26.34 -1.54
CA THR B 199 -6.01 26.73 -2.86
C THR B 199 -5.80 25.51 -3.73
N LEU B 200 -5.65 25.72 -5.03
CA LEU B 200 -5.48 24.63 -5.98
C LEU B 200 -4.23 23.80 -5.66
N GLN B 201 -3.18 24.47 -5.22
CA GLN B 201 -1.95 23.80 -4.82
C GLN B 201 -2.18 22.97 -3.55
N GLN B 202 -2.94 23.53 -2.62
CA GLN B 202 -3.23 22.86 -1.36
C GLN B 202 -4.11 21.62 -1.56
N GLN B 203 -5.06 21.72 -2.48
CA GLN B 203 -5.94 20.59 -2.79
C GLN B 203 -5.15 19.39 -3.29
N HIS B 204 -4.29 19.64 -4.27
CA HIS B 204 -3.45 18.59 -4.85
C HIS B 204 -2.55 17.95 -3.79
N GLN B 205 -1.93 18.79 -2.97
CA GLN B 205 -1.03 18.31 -1.92
C GLN B 205 -1.78 17.44 -0.91
N ARG B 206 -2.89 17.96 -0.39
CA ARG B 206 -3.69 17.23 0.59
C ARG B 206 -4.22 15.92 0.02
N LEU B 207 -4.66 15.97 -1.24
CA LEU B 207 -5.14 14.78 -1.93
C LEU B 207 -4.05 13.72 -1.99
N ALA B 208 -2.84 14.15 -2.34
CA ALA B 208 -1.70 13.24 -2.39
C ALA B 208 -1.39 12.69 -1.01
N GLN B 209 -1.39 13.56 -0.01
CA GLN B 209 -1.12 13.18 1.37
C GLN B 209 -2.08 12.10 1.84
N LEU B 210 -3.36 12.27 1.53
CA LEU B 210 -4.40 11.32 1.93
C LEU B 210 -4.21 9.96 1.27
N LEU B 211 -3.86 9.95 -0.01
CA LEU B 211 -3.76 8.71 -0.77
C LEU B 211 -2.49 7.93 -0.42
N LEU B 212 -1.46 8.64 0.04
CA LEU B 212 -0.23 7.97 0.46
C LEU B 212 -0.47 7.18 1.75
N ILE B 213 -1.44 7.63 2.55
CA ILE B 213 -1.83 6.93 3.77
C ILE B 213 -2.30 5.52 3.45
N LEU B 214 -2.97 5.37 2.31
CA LEU B 214 -3.54 4.10 1.90
C LEU B 214 -2.45 3.04 1.69
N SER B 215 -1.27 3.49 1.27
CA SER B 215 -0.13 2.60 1.12
C SER B 215 0.27 1.99 2.46
N HIS B 216 0.23 2.81 3.50
CA HIS B 216 0.61 2.38 4.83
C HIS B 216 -0.48 1.52 5.46
N ILE B 217 -1.73 1.83 5.14
CA ILE B 217 -2.86 1.03 5.62
C ILE B 217 -2.80 -0.35 4.96
N ARG B 218 -2.36 -0.38 3.71
CA ARG B 218 -2.14 -1.64 3.01
C ARG B 218 -1.05 -2.45 3.71
N HIS B 219 0.03 -1.77 4.08
CA HIS B 219 1.16 -2.40 4.74
C HIS B 219 0.74 -2.97 6.09
N MET B 220 0.01 -2.19 6.87
CA MET B 220 -0.48 -2.62 8.17
C MET B 220 -1.41 -3.82 8.05
N SER B 221 -2.21 -3.84 6.99
CA SER B 221 -3.13 -4.95 6.74
C SER B 221 -2.37 -6.24 6.46
N ASN B 222 -1.35 -6.14 5.61
CA ASN B 222 -0.52 -7.29 5.28
C ASN B 222 0.18 -7.86 6.52
N LYS B 223 0.70 -6.96 7.35
CA LYS B 223 1.34 -7.36 8.60
C LYS B 223 0.33 -7.99 9.55
N GLY B 224 -0.84 -7.37 9.67
CA GLY B 224 -1.90 -7.88 10.52
C GLY B 224 -2.40 -9.22 10.04
N MET B 225 -2.53 -9.37 8.72
CA MET B 225 -3.02 -10.61 8.12
C MET B 225 -2.08 -11.77 8.44
N GLU B 226 -0.79 -11.48 8.55
CA GLU B 226 0.20 -12.49 8.89
C GLU B 226 0.11 -12.89 10.35
N HIS B 227 -0.17 -11.91 11.21
CA HIS B 227 -0.30 -12.17 12.64
C HIS B 227 -1.54 -13.01 12.93
N LEU B 228 -2.60 -12.78 12.15
CA LEU B 228 -3.84 -13.53 12.34
C LEU B 228 -3.71 -14.97 11.86
N TYR B 229 -2.93 -15.19 10.80
CA TYR B 229 -2.67 -16.53 10.31
C TYR B 229 -1.87 -17.33 11.33
N SER B 230 -0.92 -16.66 11.96
CA SER B 230 -0.09 -17.28 12.99
C SER B 230 -0.94 -17.68 14.19
N MET B 231 -1.91 -16.84 14.53
CA MET B 231 -2.78 -17.08 15.67
C MET B 231 -3.69 -18.28 15.43
N LYS B 232 -4.08 -18.49 14.17
CA LYS B 232 -4.93 -19.61 13.82
C LYS B 232 -4.17 -20.93 13.92
N CYS B 233 -2.92 -20.93 13.45
CA CYS B 233 -2.09 -22.13 13.48
C CYS B 233 -1.77 -22.53 14.91
N LYS B 234 -1.67 -21.55 15.79
CA LYS B 234 -1.46 -21.81 17.21
C LYS B 234 -2.70 -22.46 17.81
N ASN B 235 -3.86 -22.11 17.25
CA ASN B 235 -5.16 -22.60 17.70
C ASN B 235 -5.32 -22.47 19.21
N VAL B 236 -5.26 -21.24 19.69
CA VAL B 236 -5.51 -20.94 21.08
C VAL B 236 -6.64 -19.92 21.15
N VAL B 237 -6.59 -18.97 20.22
CA VAL B 237 -7.69 -18.03 20.02
C VAL B 237 -8.48 -18.43 18.79
N PRO B 238 -9.69 -18.99 19.01
CA PRO B 238 -10.52 -19.48 17.91
C PRO B 238 -11.10 -18.36 17.05
N LEU B 239 -10.90 -18.45 15.74
CA LEU B 239 -11.47 -17.49 14.80
C LEU B 239 -12.89 -17.92 14.41
N SER B 240 -13.74 -16.94 14.13
CA SER B 240 -15.10 -17.22 13.71
C SER B 240 -15.11 -17.80 12.30
N ASP B 241 -16.23 -18.40 11.91
CA ASP B 241 -16.34 -19.07 10.61
C ASP B 241 -16.17 -18.09 9.46
N LEU B 242 -16.70 -16.89 9.61
CA LEU B 242 -16.55 -15.86 8.58
C LEU B 242 -15.10 -15.36 8.54
N LEU B 243 -14.53 -15.11 9.70
CA LEU B 243 -13.17 -14.60 9.82
C LEU B 243 -12.15 -15.58 9.25
N LEU B 244 -12.43 -16.88 9.41
CA LEU B 244 -11.57 -17.92 8.86
C LEU B 244 -11.59 -17.93 7.34
N GLU B 245 -12.76 -17.73 6.76
CA GLU B 245 -12.91 -17.70 5.31
C GLU B 245 -12.25 -16.47 4.70
N MET B 246 -12.38 -15.32 5.37
CA MET B 246 -11.75 -14.09 4.93
C MET B 246 -10.24 -14.22 4.98
N LEU B 247 -9.75 -14.98 5.97
CA LEU B 247 -8.32 -15.17 6.17
C LEU B 247 -7.73 -16.10 5.11
N ASP B 248 -8.50 -17.13 4.73
N ASP B 248 -8.50 -17.13 4.74
CA ASP B 248 -8.08 -18.10 3.74
CA ASP B 248 -8.05 -18.09 3.73
C ASP B 248 -7.96 -17.45 2.36
C ASP B 248 -7.95 -17.44 2.35
N ALA B 249 -8.70 -16.37 2.15
CA ALA B 249 -8.72 -15.67 0.88
C ALA B 249 -7.36 -15.12 0.48
N HIS B 250 -6.61 -14.64 1.47
CA HIS B 250 -5.26 -14.14 1.22
C HIS B 250 -4.26 -15.27 1.19
N ARG B 251 -4.68 -16.43 1.69
CA ARG B 251 -3.80 -17.58 1.88
C ARG B 251 -2.57 -17.17 2.69
N LYS C 3 26.21 -2.51 10.00
CA LYS C 3 25.53 -2.98 8.79
C LYS C 3 26.24 -2.49 7.53
N ILE C 4 26.17 -3.30 6.47
CA ILE C 4 26.76 -2.95 5.19
C ILE C 4 26.13 -1.67 4.62
N LEU C 5 24.83 -1.53 4.83
CA LEU C 5 24.07 -0.39 4.33
C LEU C 5 24.63 0.94 4.85
N HIS C 6 25.10 0.93 6.09
CA HIS C 6 25.77 2.10 6.66
C HIS C 6 26.95 2.53 5.81
N ARG C 7 27.88 1.60 5.61
CA ARG C 7 29.11 1.84 4.86
C ARG C 7 28.86 2.37 3.46
N LEU C 8 27.87 1.79 2.78
CA LEU C 8 27.61 2.12 1.39
C LEU C 8 26.98 3.51 1.23
N LEU C 9 26.21 3.93 2.22
CA LEU C 9 25.58 5.24 2.21
C LEU C 9 26.59 6.35 2.49
N GLN C 10 27.68 6.01 3.17
CA GLN C 10 28.71 6.99 3.51
C GLN C 10 29.64 7.26 2.34
N ASP C 11 29.86 6.25 1.50
CA ASP C 11 30.75 6.36 0.35
C ASP C 11 30.41 7.54 -0.54
N LYS D 3 -20.00 -20.61 1.19
CA LYS D 3 -19.20 -19.43 1.49
C LYS D 3 -20.07 -18.35 2.16
N ILE D 4 -19.66 -17.93 3.35
CA ILE D 4 -20.44 -16.98 4.14
C ILE D 4 -20.52 -15.60 3.50
N LEU D 5 -19.38 -15.10 3.02
CA LEU D 5 -19.33 -13.79 2.37
C LEU D 5 -20.22 -13.78 1.13
N HIS D 6 -20.23 -14.90 0.42
CA HIS D 6 -21.10 -15.09 -0.73
C HIS D 6 -22.56 -14.99 -0.31
N ARG D 7 -22.88 -15.61 0.81
CA ARG D 7 -24.24 -15.65 1.33
C ARG D 7 -24.79 -14.27 1.69
N LEU D 8 -24.06 -13.56 2.54
CA LEU D 8 -24.51 -12.27 3.06
C LEU D 8 -24.63 -11.20 1.99
N LEU D 9 -23.69 -11.20 1.05
CA LEU D 9 -23.73 -10.28 -0.08
C LEU D 9 -24.96 -10.53 -0.95
N GLN D 10 -25.34 -11.80 -1.05
CA GLN D 10 -26.39 -12.23 -1.97
C GLN D 10 -27.80 -12.03 -1.41
N ASP D 11 -27.90 -11.90 -0.09
CA ASP D 11 -29.19 -11.85 0.60
C ASP D 11 -30.04 -10.67 0.12
N SER D 12 -31.24 -10.98 -0.35
CA SER D 12 -32.18 -9.94 -0.77
C SER D 12 -33.33 -9.81 0.21
O01 5HW E . 14.82 -5.60 -10.74
C02 5HW E . 14.41 -6.65 -9.88
C03 5HW E . 15.23 -7.76 -9.73
C04 5HW E . 14.84 -8.81 -8.87
C05 5HW E . 13.63 -8.73 -8.17
C06 5HW E . 13.24 -9.91 -7.23
C07 5HW E . 14.32 -10.51 -6.31
C08 5HW E . 14.77 -9.79 -5.20
C09 5HW E . 15.75 -10.33 -4.37
C10 5HW E . 16.29 -11.59 -4.65
O11 5HW E . 17.27 -12.14 -3.81
C12 5HW E . 15.84 -12.31 -5.75
C13 5HW E . 14.86 -11.76 -6.58
C14 5HW E . 12.01 -10.58 -7.35
C15 5HW E . 11.06 -10.33 -8.51
C16 5HW E . 9.71 -10.99 -8.30
C17 5HW E . 9.18 -10.80 -6.88
C18 5HW E . 10.13 -11.34 -5.81
C19 5HW E . 9.59 -12.67 -5.30
C20 5HW E . 11.55 -11.57 -6.30
C21 5HW E . 12.83 -7.61 -8.31
C22 5HW E . 13.21 -6.56 -9.18
O01 5HW F . -12.35 -2.66 14.31
C02 5HW F . -11.30 -3.61 14.43
C03 5HW F . -11.43 -4.67 15.32
C04 5HW F . -10.40 -5.61 15.44
C05 5HW F . -9.24 -5.49 14.67
C06 5HW F . -8.11 -6.56 14.82
C07 5HW F . -8.51 -8.05 14.73
C08 5HW F . -9.00 -8.57 13.53
C09 5HW F . -9.36 -9.91 13.46
C10 5HW F . -9.23 -10.74 14.57
O11 5HW F . -9.60 -12.09 14.49
C12 5HW F . -8.74 -10.22 15.76
C13 5HW F . -8.38 -8.88 15.84
C14 5HW F . -6.76 -6.21 14.96
C15 5HW F . -6.32 -4.84 15.45
C16 5HW F . -5.02 -4.34 14.85
C17 5HW F . -3.92 -5.41 14.75
C18 5HW F . -4.39 -6.74 14.20
C19 5HW F . -3.31 -7.78 14.42
C20 5HW F . -5.66 -7.25 14.86
C21 5HW F . -9.12 -4.43 13.77
C22 5HW F . -10.16 -3.48 13.66
#